data_2R71
#
_entry.id   2R71
#
_cell.length_a   63.483
_cell.length_b   50.314
_cell.length_c   65.974
_cell.angle_alpha   90.00
_cell.angle_beta   107.84
_cell.angle_gamma   90.00
#
_symmetry.space_group_name_H-M   'P 1 21 1'
#
loop_
_entity.id
_entity.type
_entity.pdbx_description
1 polymer Lactotransferrin
2 branched beta-D-mannopyranose-(1-4)-[beta-D-mannopyranose-(1-6)]alpha-D-mannopyranose-(1-4)-2-acetamido-2-deoxy-beta-D-glucopyranose-(1-4)-2-acetamido-2-deoxy-beta-D-glucopyranose
3 branched 2-acetamido-2-deoxy-beta-D-glucopyranose-(1-4)-2-acetamido-2-deoxy-beta-D-glucopyranose
4 branched beta-D-mannopyranose-(1-4)-beta-D-mannopyranose-(1-4)-beta-D-mannopyranose-(1-4)-beta-D-mannopyranose-(1-4)-2-acetamido-2-deoxy-beta-D-glucopyranose-(1-4)-2-acetamido-2-deoxy-beta-D-glucopyranose
5 non-polymer 'FE (III) ION'
6 non-polymer 'CARBONATE ION'
7 non-polymer 'ZINC ION'
8 non-polymer 'SULFATE ION'
9 non-polymer 1,2,3,4,5,6-HEXAHYDROXY-CYCLOHEXANE
10 water water
#
_entity_poly.entity_id   1
_entity_poly.type   'polypeptide(L)'
_entity_poly.pdbx_seq_one_letter_code
;YTRVVWCAVGPEEQKKCQQWSQQSGQNVTCATASTTDDCIVLVLKGEADALNLDGGYIYTAGKCGLVPVLAENRKSSKHS
SLDCVLRPTEGYLAVAVVKKANEGLTWNSLKDKKSCHTAVDRTAGWNIPMGLIVNQTGSCAFDEFFSQSCAPGADPKSRL
CALCAGDDQGLDKCVPNSKEKYYGYTGAFRCLAEDVGDVAFVKNDTVWENTNGESTADWAKNLKREDFRLLCLDGTRKPV
TEAQSCHLAVAPNHAVVSRSDRAAHVEQVLLHQQALFGKNGKNCPDKFCLFKSETKNLLFNDNTECLAKLGGRPTYEEYL
GTEYVTAIANLKKCSTSPLLEACAF
;
_entity_poly.pdbx_strand_id   A
#
loop_
_chem_comp.id
_chem_comp.type
_chem_comp.name
_chem_comp.formula
BMA D-saccharide, beta linking beta-D-mannopyranose 'C6 H12 O6'
CO3 non-polymer 'CARBONATE ION' 'C O3 -2'
FE non-polymer 'FE (III) ION' 'Fe 3'
INS non-polymer 1,2,3,4,5,6-HEXAHYDROXY-CYCLOHEXANE 'C6 H12 O6'
MAN D-saccharide, alpha linking alpha-D-mannopyranose 'C6 H12 O6'
NAG D-saccharide, beta linking 2-acetamido-2-deoxy-beta-D-glucopyranose 'C8 H15 N O6'
SO4 non-polymer 'SULFATE ION' 'O4 S -2'
ZN non-polymer 'ZINC ION' 'Zn 2'
#
# COMPACT_ATOMS: atom_id res chain seq x y z
N TYR A 1 -24.89 -20.44 0.37
CA TYR A 1 -23.64 -19.65 0.12
C TYR A 1 -22.40 -20.51 0.26
N THR A 2 -21.36 -20.19 -0.50
CA THR A 2 -20.04 -20.76 -0.23
C THR A 2 -19.29 -19.75 0.65
N ARG A 3 -18.21 -20.20 1.28
CA ARG A 3 -17.38 -19.30 2.07
C ARG A 3 -16.50 -18.52 1.10
N VAL A 4 -15.93 -17.43 1.59
CA VAL A 4 -14.87 -16.75 0.89
C VAL A 4 -13.55 -17.09 1.58
N VAL A 5 -12.57 -17.53 0.80
CA VAL A 5 -11.22 -17.77 1.31
C VAL A 5 -10.37 -16.52 1.07
N TRP A 6 -10.03 -15.82 2.13
CA TRP A 6 -9.20 -14.62 2.03
C TRP A 6 -7.71 -15.01 1.99
N CYS A 7 -6.88 -14.28 1.27
CA CYS A 7 -5.43 -14.56 1.28
C CYS A 7 -4.66 -13.53 2.12
N ALA A 8 -3.99 -14.04 3.15
CA ALA A 8 -3.20 -13.23 4.07
C ALA A 8 -1.71 -13.27 3.70
N VAL A 9 -1.07 -12.10 3.70
CA VAL A 9 0.34 -12.00 3.35
C VAL A 9 1.18 -11.93 4.62
N GLY A 10 1.77 -13.07 4.97
CA GLY A 10 2.65 -13.17 6.17
C GLY A 10 1.90 -13.44 7.47
N PRO A 11 2.64 -13.67 8.58
CA PRO A 11 2.07 -14.18 9.85
C PRO A 11 1.16 -13.21 10.59
N GLU A 12 1.41 -11.92 10.48
CA GLU A 12 0.60 -10.93 11.18
C GLU A 12 -0.77 -10.80 10.55
N GLU A 13 -0.81 -10.83 9.21
CA GLU A 13 -2.08 -10.80 8.51
C GLU A 13 -2.86 -12.09 8.74
N GLN A 14 -2.14 -13.22 8.79
CA GLN A 14 -2.74 -14.51 9.09
C GLN A 14 -3.48 -14.53 10.45
N LYS A 15 -2.83 -13.99 11.48
CA LYS A 15 -3.46 -13.83 12.79
C LYS A 15 -4.75 -12.98 12.75
N LYS A 16 -4.71 -11.85 12.05
CA LYS A 16 -5.92 -10.99 11.94
C LYS A 16 -7.01 -11.74 11.17
N CYS A 17 -6.63 -12.41 10.10
CA CYS A 17 -7.56 -13.18 9.31
C CYS A 17 -8.25 -14.27 10.13
N GLN A 18 -7.46 -14.99 10.94
CA GLN A 18 -7.98 -16.05 11.83
C GLN A 18 -9.04 -15.54 12.80
N GLN A 19 -8.79 -14.37 13.38
CA GLN A 19 -9.76 -13.70 14.24
C GLN A 19 -11.05 -13.39 13.51
N TRP A 20 -10.94 -12.82 12.31
CA TRP A 20 -12.08 -12.51 11.44
C TRP A 20 -12.82 -13.79 11.06
N SER A 21 -12.08 -14.86 10.83
CA SER A 21 -12.67 -16.15 10.45
C SER A 21 -13.56 -16.69 11.58
N GLN A 22 -12.99 -16.70 12.78
CA GLN A 22 -13.68 -17.05 14.02
C GLN A 22 -14.97 -16.25 14.22
N GLN A 23 -14.87 -14.93 14.13
CA GLN A 23 -15.99 -14.00 14.32
C GLN A 23 -17.07 -14.06 13.23
N SER A 24 -16.68 -14.43 12.02
CA SER A 24 -17.63 -14.54 10.91
C SER A 24 -18.34 -15.89 10.94
N GLY A 25 -17.99 -16.72 11.92
CA GLY A 25 -18.51 -18.08 12.01
C GLY A 25 -18.13 -18.94 10.82
N GLN A 26 -16.91 -18.75 10.32
CA GLN A 26 -16.39 -19.47 9.15
C GLN A 26 -17.04 -19.09 7.81
N ASN A 27 -17.74 -17.95 7.77
CA ASN A 27 -18.20 -17.40 6.50
C ASN A 27 -17.01 -16.95 5.66
N VAL A 28 -15.95 -16.50 6.34
CA VAL A 28 -14.66 -16.23 5.74
C VAL A 28 -13.64 -17.20 6.35
N THR A 29 -12.78 -17.78 5.51
CA THR A 29 -11.63 -18.53 6.00
C THR A 29 -10.35 -17.98 5.38
N CYS A 30 -9.22 -18.51 5.81
CA CYS A 30 -7.93 -17.90 5.52
C CYS A 30 -6.96 -18.85 4.85
N ALA A 31 -6.34 -18.37 3.78
CA ALA A 31 -5.15 -18.99 3.25
C ALA A 31 -4.03 -17.99 3.52
N THR A 32 -2.81 -18.48 3.62
CA THR A 32 -1.67 -17.59 3.89
C THR A 32 -0.51 -17.82 2.92
N ALA A 33 0.15 -16.74 2.51
CA ALA A 33 1.33 -16.82 1.66
C ALA A 33 2.39 -15.83 2.14
N SER A 34 3.63 -16.06 1.72
CA SER A 34 4.73 -15.22 2.15
C SER A 34 4.81 -13.87 1.42
N THR A 35 4.31 -13.82 0.19
CA THR A 35 4.34 -12.58 -0.58
C THR A 35 3.00 -12.35 -1.27
N THR A 36 2.75 -11.10 -1.65
CA THR A 36 1.56 -10.73 -2.37
C THR A 36 1.48 -11.49 -3.71
N ASP A 37 2.63 -11.62 -4.39
CA ASP A 37 2.67 -12.36 -5.65
C ASP A 37 2.18 -13.79 -5.51
N ASP A 38 2.58 -14.45 -4.42
CA ASP A 38 2.14 -15.81 -4.14
C ASP A 38 0.67 -15.90 -3.80
N CYS A 39 0.15 -14.89 -3.10
CA CYS A 39 -1.29 -14.83 -2.84
C CYS A 39 -2.07 -14.74 -4.14
N ILE A 40 -1.52 -14.01 -5.11
CA ILE A 40 -2.15 -13.82 -6.42
C ILE A 40 -2.22 -15.14 -7.19
N VAL A 41 -1.16 -15.94 -7.06
CA VAL A 41 -1.10 -17.28 -7.63
C VAL A 41 -2.13 -18.20 -7.00
N LEU A 42 -2.30 -18.10 -5.67
CA LEU A 42 -3.33 -18.85 -4.95
C LEU A 42 -4.73 -18.54 -5.51
N VAL A 43 -5.01 -17.26 -5.68
CA VAL A 43 -6.29 -16.82 -6.24
C VAL A 43 -6.51 -17.38 -7.65
N LEU A 44 -5.46 -17.33 -8.48
CA LEU A 44 -5.51 -17.85 -9.84
C LEU A 44 -5.79 -19.36 -9.88
N LYS A 45 -5.20 -20.11 -8.94
CA LYS A 45 -5.40 -21.55 -8.87
C LYS A 45 -6.78 -21.91 -8.34
N GLY A 46 -7.44 -20.92 -7.75
CA GLY A 46 -8.74 -21.10 -7.13
C GLY A 46 -8.65 -21.57 -5.69
N GLU A 47 -7.44 -21.55 -5.13
CA GLU A 47 -7.22 -21.97 -3.74
C GLU A 47 -7.53 -20.87 -2.72
N ALA A 48 -7.46 -19.62 -3.17
CA ALA A 48 -8.00 -18.50 -2.39
C ALA A 48 -8.96 -17.74 -3.30
N ASP A 49 -9.78 -16.87 -2.71
CA ASP A 49 -10.76 -16.10 -3.48
C ASP A 49 -10.38 -14.64 -3.73
N ALA A 50 -9.77 -14.01 -2.72
CA ALA A 50 -9.67 -12.56 -2.68
C ALA A 50 -8.60 -12.09 -1.71
N LEU A 51 -8.13 -10.87 -1.98
CA LEU A 51 -7.30 -10.08 -1.09
C LEU A 51 -7.38 -8.63 -1.57
N ASN A 52 -7.00 -7.71 -0.69
CA ASN A 52 -6.97 -6.27 -0.98
C ASN A 52 -5.56 -5.92 -1.47
N LEU A 53 -5.47 -5.22 -2.60
CA LEU A 53 -4.19 -4.97 -3.26
C LEU A 53 -3.93 -3.49 -3.49
N ASP A 54 -2.66 -3.10 -3.34
CA ASP A 54 -2.19 -1.81 -3.78
C ASP A 54 -2.26 -1.76 -5.32
N GLY A 55 -2.37 -0.55 -5.88
CA GLY A 55 -2.48 -0.34 -7.33
C GLY A 55 -1.44 -1.04 -8.20
N GLY A 56 -0.17 -1.02 -7.78
CA GLY A 56 0.88 -1.71 -8.51
C GLY A 56 0.64 -3.20 -8.64
N TYR A 57 0.12 -3.82 -7.58
CA TYR A 57 -0.23 -5.25 -7.62
C TYR A 57 -1.50 -5.52 -8.43
N ILE A 58 -2.43 -4.57 -8.42
CA ILE A 58 -3.64 -4.73 -9.23
C ILE A 58 -3.27 -4.87 -10.72
N TYR A 59 -2.22 -4.14 -11.12
CA TYR A 59 -1.65 -4.24 -12.47
C TYR A 59 -1.13 -5.66 -12.80
N THR A 60 -0.34 -6.23 -11.89
CA THR A 60 0.13 -7.63 -11.98
C THR A 60 -1.04 -8.63 -12.07
N ALA A 61 -1.99 -8.48 -11.14
CA ALA A 61 -3.13 -9.39 -11.05
C ALA A 61 -4.03 -9.26 -12.28
N GLY A 62 -4.14 -8.04 -12.80
CA GLY A 62 -4.96 -7.71 -13.95
C GLY A 62 -4.48 -8.35 -15.25
N LYS A 63 -3.18 -8.30 -15.48
CA LYS A 63 -2.56 -9.00 -16.61
C LYS A 63 -2.90 -10.49 -16.59
N CYS A 64 -3.02 -11.05 -15.39
CA CYS A 64 -3.37 -12.46 -15.22
C CYS A 64 -4.87 -12.75 -15.15
N GLY A 65 -5.70 -11.73 -15.42
CA GLY A 65 -7.14 -11.92 -15.47
C GLY A 65 -7.98 -11.56 -14.24
N LEU A 66 -7.35 -11.22 -13.13
CA LEU A 66 -8.11 -10.86 -11.91
C LEU A 66 -8.77 -9.49 -12.08
N VAL A 67 -9.89 -9.27 -11.40
CA VAL A 67 -10.67 -8.05 -11.57
C VAL A 67 -10.86 -7.29 -10.25
N PRO A 68 -10.92 -5.96 -10.31
CA PRO A 68 -11.27 -5.18 -9.12
C PRO A 68 -12.72 -5.40 -8.71
N VAL A 69 -12.97 -5.52 -7.42
CA VAL A 69 -14.29 -5.89 -6.90
C VAL A 69 -14.89 -4.72 -6.10
N LEU A 70 -14.19 -4.29 -5.06
CA LEU A 70 -14.57 -3.19 -4.19
C LEU A 70 -13.30 -2.41 -3.86
N ALA A 71 -13.46 -1.10 -3.63
CA ALA A 71 -12.31 -0.24 -3.32
C ALA A 71 -12.36 0.28 -1.89
N GLU A 72 -11.18 0.39 -1.25
CA GLU A 72 -11.09 1.12 0.02
C GLU A 72 -11.56 2.56 -0.19
N ASN A 73 -12.32 3.06 0.75
CA ASN A 73 -12.79 4.45 0.71
C ASN A 73 -12.48 5.06 2.06
N ARG A 74 -11.68 6.13 2.09
CA ARG A 74 -11.36 6.80 3.36
C ARG A 74 -12.25 8.05 3.51
N LYS A 75 -12.08 8.78 4.63
CA LYS A 75 -12.81 10.04 4.87
C LYS A 75 -12.68 11.00 3.69
N SER A 76 -13.79 11.65 3.33
CA SER A 76 -13.73 12.71 2.34
C SER A 76 -14.45 13.97 2.83
N SER A 77 -14.68 14.92 1.93
CA SER A 77 -15.43 16.14 2.22
C SER A 77 -16.50 16.40 1.15
N LYS A 78 -16.15 16.10 -0.10
CA LYS A 78 -17.08 16.14 -1.23
C LYS A 78 -17.98 14.89 -1.18
N HIS A 79 -19.14 14.97 -1.85
CA HIS A 79 -20.15 13.88 -1.84
C HIS A 79 -20.66 13.58 -0.42
N SER A 80 -20.89 14.65 0.35
CA SER A 80 -21.11 14.60 1.81
C SER A 80 -22.25 13.70 2.27
N SER A 81 -23.42 13.86 1.64
CA SER A 81 -24.62 13.15 2.06
C SER A 81 -24.65 11.68 1.59
N LEU A 82 -23.95 11.41 0.48
CA LEU A 82 -23.88 10.06 -0.09
C LEU A 82 -23.18 9.08 0.83
N ASP A 83 -23.78 7.89 0.97
CA ASP A 83 -23.23 6.83 1.79
C ASP A 83 -21.85 6.42 1.30
N CYS A 84 -21.02 5.98 2.24
CA CYS A 84 -19.64 5.57 1.94
C CYS A 84 -19.56 4.54 0.80
N VAL A 85 -20.38 3.49 0.88
CA VAL A 85 -20.38 2.39 -0.10
C VAL A 85 -20.65 2.83 -1.56
N LEU A 86 -21.32 3.95 -1.74
CA LEU A 86 -21.68 4.44 -3.08
C LEU A 86 -20.87 5.66 -3.50
N ARG A 87 -20.16 6.25 -2.53
CA ARG A 87 -19.31 7.41 -2.75
C ARG A 87 -18.14 7.06 -3.68
N PRO A 88 -17.88 7.91 -4.69
CA PRO A 88 -16.69 7.69 -5.52
C PRO A 88 -15.42 7.75 -4.68
N THR A 89 -14.40 6.99 -5.09
CA THR A 89 -13.10 7.04 -4.43
C THR A 89 -12.34 8.28 -4.89
N GLU A 90 -11.49 8.81 -4.03
CA GLU A 90 -10.76 10.03 -4.36
C GLU A 90 -9.28 9.81 -4.72
N GLY A 91 -8.70 8.72 -4.26
CA GLY A 91 -7.31 8.41 -4.56
C GLY A 91 -6.40 9.05 -3.52
N TYR A 92 -5.21 8.50 -3.34
CA TYR A 92 -4.32 9.08 -2.34
C TYR A 92 -3.14 9.80 -2.99
N LEU A 93 -2.48 10.65 -2.22
CA LEU A 93 -1.35 11.42 -2.75
C LEU A 93 -0.02 10.73 -2.44
N ALA A 94 0.70 10.32 -3.48
CA ALA A 94 2.05 9.80 -3.31
C ALA A 94 2.97 10.98 -2.99
N VAL A 95 3.76 10.88 -1.92
CA VAL A 95 4.68 11.97 -1.58
C VAL A 95 6.09 11.44 -1.29
N ALA A 96 7.08 12.33 -1.33
CA ALA A 96 8.42 12.02 -0.85
C ALA A 96 8.68 12.87 0.40
N VAL A 97 9.06 12.21 1.50
CA VAL A 97 9.16 12.83 2.82
C VAL A 97 10.61 12.81 3.31
N VAL A 98 11.05 13.93 3.87
CA VAL A 98 12.38 14.07 4.46
C VAL A 98 12.26 14.74 5.86
N LYS A 99 13.35 14.68 6.63
CA LYS A 99 13.44 15.42 7.87
C LYS A 99 13.72 16.89 7.54
N LYS A 100 13.04 17.79 8.23
CA LYS A 100 13.33 19.22 8.14
C LYS A 100 14.84 19.47 8.35
N ALA A 101 15.42 18.79 9.35
CA ALA A 101 16.83 18.97 9.72
C ALA A 101 17.83 18.62 8.60
N ASN A 102 17.42 17.77 7.66
CA ASN A 102 18.22 17.45 6.48
C ASN A 102 18.07 18.56 5.43
N GLU A 103 18.64 19.72 5.76
CA GLU A 103 18.50 20.94 4.97
C GLU A 103 19.15 20.82 3.61
N GLY A 104 18.57 21.49 2.62
CA GLY A 104 19.15 21.47 1.27
C GLY A 104 19.07 20.14 0.54
N LEU A 105 18.39 19.15 1.11
CA LEU A 105 18.03 17.95 0.37
C LEU A 105 16.72 18.26 -0.37
N THR A 106 16.78 18.23 -1.69
CA THR A 106 15.61 18.51 -2.51
C THR A 106 15.47 17.37 -3.52
N TRP A 107 14.38 17.37 -4.28
CA TRP A 107 14.18 16.41 -5.36
C TRP A 107 15.39 16.28 -6.29
N ASN A 108 16.09 17.38 -6.53
CA ASN A 108 17.20 17.44 -7.49
C ASN A 108 18.56 17.02 -6.95
N SER A 109 18.63 16.67 -5.67
CA SER A 109 19.88 16.20 -5.06
C SER A 109 19.70 14.86 -4.36
N LEU A 110 18.74 14.07 -4.86
CA LEU A 110 18.44 12.76 -4.29
C LEU A 110 19.47 11.69 -4.63
N LYS A 111 20.20 11.88 -5.73
CA LYS A 111 21.22 10.89 -6.14
C LYS A 111 22.27 10.60 -5.06
N ASP A 112 22.53 9.30 -4.84
CA ASP A 112 23.47 8.81 -3.83
C ASP A 112 23.04 8.99 -2.38
N LYS A 113 21.79 9.41 -2.17
CA LYS A 113 21.22 9.44 -0.83
C LYS A 113 20.64 8.06 -0.47
N LYS A 114 20.09 7.95 0.73
CA LYS A 114 19.52 6.72 1.24
C LYS A 114 17.99 6.76 1.13
N SER A 115 17.38 5.67 0.65
CA SER A 115 15.92 5.66 0.42
C SER A 115 15.15 4.53 1.12
N CYS A 116 13.90 4.84 1.47
CA CYS A 116 12.96 3.95 2.15
C CYS A 116 11.71 3.79 1.28
N HIS A 117 11.43 2.56 0.85
CA HIS A 117 10.34 2.25 -0.06
C HIS A 117 9.38 1.29 0.60
N THR A 118 8.09 1.43 0.30
CA THR A 118 7.09 0.56 0.93
C THR A 118 7.37 -0.89 0.53
N ALA A 119 7.64 -1.08 -0.76
CA ALA A 119 8.00 -2.37 -1.36
C ALA A 119 8.13 -2.18 -2.86
N VAL A 120 8.97 -3.00 -3.48
CA VAL A 120 9.04 -3.09 -4.94
C VAL A 120 7.62 -3.31 -5.51
N ASP A 121 7.33 -2.69 -6.66
CA ASP A 121 6.07 -2.85 -7.41
C ASP A 121 4.86 -2.13 -6.86
N ARG A 122 5.03 -1.39 -5.78
CA ARG A 122 3.90 -0.70 -5.16
C ARG A 122 3.81 0.75 -5.65
N THR A 123 2.63 1.36 -5.59
CA THR A 123 2.42 2.68 -6.22
C THR A 123 3.29 3.84 -5.67
N ALA A 124 3.09 4.23 -4.41
CA ALA A 124 3.81 5.38 -3.85
C ALA A 124 5.23 4.97 -3.52
N GLY A 125 5.42 3.73 -3.10
CA GLY A 125 6.75 3.31 -2.65
C GLY A 125 7.73 3.05 -3.76
N TRP A 126 7.22 2.77 -4.96
CA TRP A 126 8.10 2.34 -6.03
C TRP A 126 7.80 2.84 -7.45
N ASN A 127 6.62 2.50 -7.96
CA ASN A 127 6.32 2.75 -9.37
C ASN A 127 6.35 4.23 -9.74
N ILE A 128 5.74 5.06 -8.92
CA ILE A 128 5.68 6.51 -9.12
C ILE A 128 7.10 7.13 -8.97
N PRO A 129 7.74 6.97 -7.78
CA PRO A 129 9.08 7.57 -7.65
C PRO A 129 10.14 7.06 -8.65
N MET A 130 10.22 5.74 -8.86
CA MET A 130 11.23 5.19 -9.80
C MET A 130 10.93 5.45 -11.28
N GLY A 131 9.63 5.51 -11.62
CA GLY A 131 9.19 5.86 -12.96
C GLY A 131 9.66 7.27 -13.32
N LEU A 132 9.45 8.20 -12.39
CA LEU A 132 9.98 9.58 -12.50
C LEU A 132 11.50 9.62 -12.58
N ILE A 133 12.19 8.82 -11.78
CA ILE A 133 13.64 8.84 -11.75
C ILE A 133 14.24 8.29 -13.06
N VAL A 134 13.70 7.17 -13.56
CA VAL A 134 14.09 6.64 -14.87
C VAL A 134 13.91 7.71 -15.96
N ASN A 135 12.73 8.33 -16.01
CA ASN A 135 12.44 9.35 -17.01
C ASN A 135 13.41 10.53 -16.96
N GLN A 136 13.65 11.04 -15.76
CA GLN A 136 14.54 12.18 -15.54
C GLN A 136 16.02 11.89 -15.82
N THR A 137 16.44 10.65 -15.57
CA THR A 137 17.85 10.29 -15.76
C THR A 137 18.15 9.60 -17.10
N GLY A 138 17.10 9.24 -17.83
CA GLY A 138 17.23 8.49 -19.08
C GLY A 138 17.94 7.15 -18.94
N SER A 139 17.93 6.61 -17.72
CA SER A 139 18.62 5.36 -17.43
C SER A 139 17.70 4.35 -16.74
N CYS A 140 17.89 3.08 -17.09
CA CYS A 140 17.16 1.99 -16.45
C CYS A 140 17.94 1.42 -15.27
N ALA A 141 19.06 2.05 -14.95
CA ALA A 141 19.87 1.63 -13.81
C ALA A 141 19.40 2.33 -12.53
N PHE A 142 18.09 2.26 -12.27
CA PHE A 142 17.49 2.81 -11.05
C PHE A 142 18.00 2.11 -9.79
N ASP A 143 18.72 1.01 -9.97
CA ASP A 143 19.33 0.29 -8.86
C ASP A 143 20.69 0.87 -8.46
N GLU A 144 21.17 1.85 -9.23
CA GLU A 144 22.43 2.55 -8.96
C GLU A 144 22.20 4.01 -8.56
N PHE A 145 20.95 4.43 -8.47
CA PHE A 145 20.62 5.82 -8.16
C PHE A 145 20.87 6.16 -6.68
N PHE A 146 20.26 5.40 -5.78
CA PHE A 146 20.45 5.61 -4.36
C PHE A 146 21.66 4.82 -3.90
N SER A 147 22.39 5.35 -2.92
CA SER A 147 23.55 4.63 -2.39
C SER A 147 23.11 3.32 -1.75
N GLN A 148 22.07 3.40 -0.92
CA GLN A 148 21.53 2.27 -0.17
C GLN A 148 20.05 2.48 -0.04
N SER A 149 19.30 1.38 0.01
CA SER A 149 17.85 1.45 0.15
C SER A 149 17.28 0.37 1.04
N CYS A 150 16.05 0.58 1.49
CA CYS A 150 15.20 -0.53 1.86
C CYS A 150 14.01 -0.54 0.92
N ALA A 151 13.97 -1.56 0.07
CA ALA A 151 12.89 -1.77 -0.89
C ALA A 151 12.51 -3.24 -0.82
N PRO A 152 11.61 -3.60 0.12
CA PRO A 152 11.17 -4.99 0.28
C PRO A 152 10.77 -5.63 -1.07
N GLY A 153 11.27 -6.82 -1.32
CA GLY A 153 11.09 -7.49 -2.61
C GLY A 153 12.30 -7.49 -3.53
N ALA A 154 13.27 -6.61 -3.28
CA ALA A 154 14.48 -6.62 -4.10
C ALA A 154 15.42 -7.74 -3.61
N ASP A 155 16.52 -7.96 -4.32
CA ASP A 155 17.52 -8.99 -3.96
C ASP A 155 18.17 -8.65 -2.60
N PRO A 156 18.03 -9.53 -1.60
CA PRO A 156 18.55 -9.27 -0.24
C PRO A 156 20.05 -8.96 -0.15
N LYS A 157 20.82 -9.38 -1.14
CA LYS A 157 22.26 -9.11 -1.13
C LYS A 157 22.63 -7.86 -1.93
N SER A 158 21.63 -7.19 -2.52
CA SER A 158 21.86 -5.93 -3.26
C SER A 158 21.75 -4.68 -2.39
N ARG A 159 22.22 -3.56 -2.94
CA ARG A 159 22.12 -2.23 -2.31
C ARG A 159 20.68 -1.82 -1.99
N LEU A 160 19.74 -2.31 -2.80
CA LEU A 160 18.30 -2.04 -2.58
C LEU A 160 17.71 -2.62 -1.30
N CYS A 161 18.41 -3.57 -0.67
CA CYS A 161 17.97 -4.19 0.56
C CYS A 161 18.89 -3.88 1.75
N ALA A 162 19.91 -3.07 1.49
CA ALA A 162 20.99 -2.85 2.47
C ALA A 162 20.48 -2.29 3.79
N LEU A 163 19.44 -1.46 3.72
CA LEU A 163 18.90 -0.79 4.90
C LEU A 163 17.73 -1.54 5.55
N CYS A 164 17.22 -2.59 4.90
CA CYS A 164 16.15 -3.41 5.51
C CYS A 164 16.70 -4.17 6.71
N ALA A 165 15.85 -4.44 7.70
CA ALA A 165 16.29 -4.95 8.99
C ALA A 165 15.84 -6.40 9.32
N GLY A 166 14.89 -6.92 8.57
CA GLY A 166 14.26 -8.19 8.93
C GLY A 166 13.37 -8.11 10.16
N ASP A 167 13.13 -9.26 10.78
CA ASP A 167 12.22 -9.38 11.92
C ASP A 167 12.97 -9.20 13.26
N ASP A 168 12.31 -9.59 14.36
CA ASP A 168 12.89 -9.55 15.72
C ASP A 168 14.29 -10.12 15.80
N GLN A 169 14.52 -11.18 15.03
CA GLN A 169 15.77 -11.92 15.10
C GLN A 169 16.70 -11.56 13.98
N GLY A 170 16.33 -10.56 13.20
CA GLY A 170 17.11 -10.20 12.02
C GLY A 170 17.03 -11.31 10.97
N LEU A 171 15.93 -12.05 10.96
CA LEU A 171 15.64 -12.99 9.88
C LEU A 171 14.70 -12.32 8.90
N ASP A 172 14.62 -12.87 7.69
CA ASP A 172 13.67 -12.43 6.67
C ASP A 172 13.93 -10.99 6.21
N LYS A 173 15.21 -10.61 6.22
CA LYS A 173 15.62 -9.30 5.75
C LYS A 173 15.08 -9.06 4.34
N CYS A 174 14.36 -7.94 4.19
CA CYS A 174 13.85 -7.46 2.90
C CYS A 174 12.66 -8.25 2.30
N VAL A 175 12.07 -9.18 3.05
CA VAL A 175 10.88 -9.89 2.55
C VAL A 175 9.76 -8.87 2.40
N PRO A 176 9.02 -8.92 1.27
CA PRO A 176 7.88 -8.00 1.10
C PRO A 176 6.63 -8.44 1.88
N ASN A 177 6.77 -8.52 3.21
CA ASN A 177 5.65 -8.67 4.13
C ASN A 177 5.96 -7.98 5.47
N SER A 178 4.97 -7.90 6.35
CA SER A 178 5.10 -7.08 7.56
C SER A 178 6.07 -7.65 8.61
N LYS A 179 6.60 -8.85 8.35
CA LYS A 179 7.74 -9.35 9.13
C LYS A 179 8.96 -8.43 9.05
N GLU A 180 9.19 -7.84 7.86
CA GLU A 180 10.26 -6.88 7.66
C GLU A 180 9.88 -5.58 8.40
N LYS A 181 10.78 -5.18 9.30
CA LYS A 181 10.62 -3.97 10.12
C LYS A 181 10.22 -2.75 9.28
N TYR A 182 10.90 -2.55 8.14
CA TYR A 182 10.66 -1.38 7.30
C TYR A 182 9.73 -1.58 6.09
N TYR A 183 8.88 -2.60 6.13
CA TYR A 183 7.93 -2.85 5.03
C TYR A 183 6.67 -1.98 5.07
N GLY A 184 6.14 -1.62 3.89
CA GLY A 184 4.85 -0.96 3.81
C GLY A 184 4.91 0.53 4.11
N TYR A 185 3.74 1.18 4.14
CA TYR A 185 3.67 2.61 4.45
C TYR A 185 4.31 2.96 5.79
N THR A 186 3.92 2.23 6.83
CA THR A 186 4.34 2.58 8.19
C THR A 186 5.83 2.23 8.37
N GLY A 187 6.24 1.09 7.82
CA GLY A 187 7.63 0.65 7.83
C GLY A 187 8.60 1.61 7.14
N ALA A 188 8.25 2.07 5.92
CA ALA A 188 9.05 3.05 5.20
C ALA A 188 9.12 4.40 5.92
N PHE A 189 8.01 4.86 6.48
CA PHE A 189 8.05 6.07 7.30
C PHE A 189 8.95 5.91 8.55
N ARG A 190 8.90 4.74 9.20
CA ARG A 190 9.81 4.40 10.33
C ARG A 190 11.28 4.44 9.94
N CYS A 191 11.57 3.92 8.76
CA CYS A 191 12.90 3.94 8.16
C CYS A 191 13.43 5.39 8.03
N LEU A 192 12.55 6.32 7.65
CA LEU A 192 12.89 7.74 7.69
C LEU A 192 12.97 8.27 9.13
N ALA A 193 11.93 8.01 9.93
CA ALA A 193 11.85 8.56 11.28
C ALA A 193 13.06 8.20 12.15
N GLU A 194 13.59 6.99 11.94
CA GLU A 194 14.75 6.53 12.68
C GLU A 194 16.07 6.96 12.02
N ASP A 195 15.97 7.75 10.95
CA ASP A 195 17.12 8.24 10.20
C ASP A 195 17.98 7.13 9.61
N VAL A 196 17.35 6.00 9.27
CA VAL A 196 18.04 4.97 8.50
C VAL A 196 18.16 5.46 7.05
N GLY A 197 17.08 6.01 6.51
CA GLY A 197 17.14 6.61 5.19
C GLY A 197 17.02 8.13 5.25
N ASP A 198 17.32 8.78 4.13
CA ASP A 198 17.18 10.24 3.95
C ASP A 198 15.79 10.63 3.44
N VAL A 199 15.17 9.70 2.70
CA VAL A 199 13.87 9.93 2.08
C VAL A 199 12.97 8.69 2.20
N ALA A 200 11.67 8.92 2.41
CA ALA A 200 10.68 7.87 2.33
C ALA A 200 9.63 8.23 1.27
N PHE A 201 9.23 7.22 0.52
CA PHE A 201 8.24 7.34 -0.53
C PHE A 201 7.02 6.64 -0.01
N VAL A 202 6.10 7.46 0.47
CA VAL A 202 4.89 6.98 1.14
C VAL A 202 3.71 7.77 0.58
N LYS A 203 2.61 7.79 1.32
CA LYS A 203 1.46 8.60 0.96
C LYS A 203 1.27 9.68 2.01
N ASN A 204 0.54 10.73 1.66
CA ASN A 204 0.28 11.84 2.58
C ASN A 204 -0.27 11.37 3.94
N ASP A 205 -1.19 10.42 3.90
CA ASP A 205 -1.89 9.95 5.11
C ASP A 205 -0.96 9.39 6.18
N THR A 206 0.09 8.73 5.73
CA THR A 206 1.08 8.08 6.60
C THR A 206 1.75 9.06 7.58
N VAL A 207 2.12 10.23 7.08
CA VAL A 207 2.78 11.24 7.92
C VAL A 207 1.87 11.68 9.06
N TRP A 208 0.61 11.97 8.72
CA TRP A 208 -0.40 12.44 9.69
C TRP A 208 -0.75 11.42 10.76
N GLU A 209 -0.88 10.17 10.35
CA GLU A 209 -1.28 9.06 11.23
C GLU A 209 -0.18 8.60 12.18
N ASN A 210 1.05 9.02 11.93
CA ASN A 210 2.19 8.58 12.74
C ASN A 210 2.99 9.71 13.39
N THR A 211 2.36 10.87 13.56
CA THR A 211 2.99 12.05 14.18
C THR A 211 1.97 12.71 15.11
N ASN A 212 2.46 13.58 15.99
CA ASN A 212 1.63 14.37 16.91
C ASN A 212 0.69 13.51 17.77
N GLY A 213 1.17 12.35 18.22
CA GLY A 213 0.39 11.46 19.08
C GLY A 213 -0.70 10.61 18.43
N GLU A 214 -0.81 10.66 17.11
CA GLU A 214 -1.80 9.85 16.40
C GLU A 214 -1.45 8.37 16.50
N SER A 215 -0.17 8.11 16.75
CA SER A 215 0.35 6.78 16.97
C SER A 215 1.03 6.72 18.34
N THR A 216 0.70 5.71 19.14
CA THR A 216 1.28 5.53 20.46
C THR A 216 2.44 4.53 20.40
N ALA A 217 2.71 4.00 19.22
CA ALA A 217 3.85 3.14 18.99
C ALA A 217 5.13 3.83 19.45
N ASP A 218 5.98 3.05 20.10
CA ASP A 218 7.27 3.49 20.66
C ASP A 218 8.07 4.48 19.81
N TRP A 219 8.28 4.13 18.53
CA TRP A 219 9.11 4.92 17.63
C TRP A 219 8.42 6.19 17.12
N ALA A 220 7.09 6.21 17.19
CA ALA A 220 6.28 7.31 16.65
C ALA A 220 5.73 8.27 17.71
N LYS A 221 5.75 7.84 18.98
CA LYS A 221 5.31 8.64 20.15
C LYS A 221 5.71 10.11 20.09
N ASN A 222 7.00 10.38 19.86
CA ASN A 222 7.54 11.74 19.94
C ASN A 222 7.65 12.49 18.62
N LEU A 223 7.13 11.90 17.55
CA LEU A 223 7.26 12.49 16.23
C LEU A 223 6.28 13.66 16.05
N LYS A 224 6.83 14.76 15.55
CA LYS A 224 6.12 15.99 15.30
C LYS A 224 6.10 16.26 13.79
N ARG A 225 4.92 16.61 13.24
CA ARG A 225 4.77 17.01 11.84
C ARG A 225 5.75 18.07 11.33
N GLU A 226 6.05 19.06 12.17
CA GLU A 226 6.94 20.17 11.76
C GLU A 226 8.38 19.74 11.51
N ASP A 227 8.75 18.57 12.04
CA ASP A 227 10.08 18.02 11.85
C ASP A 227 10.25 17.34 10.49
N PHE A 228 9.18 17.39 9.69
CA PHE A 228 9.17 16.78 8.37
C PHE A 228 8.87 17.78 7.26
N ARG A 229 9.44 17.50 6.08
CA ARG A 229 9.17 18.24 4.85
C ARG A 229 8.87 17.31 3.67
N LEU A 230 7.99 17.79 2.80
CA LEU A 230 7.71 17.14 1.51
C LEU A 230 8.59 17.66 0.42
N LEU A 231 9.06 16.76 -0.45
CA LEU A 231 9.83 17.14 -1.64
C LEU A 231 8.92 17.31 -2.85
N CYS A 232 8.93 18.51 -3.44
CA CYS A 232 8.12 18.80 -4.63
C CYS A 232 8.95 18.65 -5.90
N LEU A 233 8.26 18.39 -7.01
CA LEU A 233 8.94 18.13 -8.28
C LEU A 233 9.62 19.37 -8.84
N ASP A 234 9.17 20.55 -8.43
CA ASP A 234 9.79 21.80 -8.87
C ASP A 234 11.04 22.21 -8.05
N GLY A 235 11.59 21.27 -7.29
CA GLY A 235 12.81 21.52 -6.52
C GLY A 235 12.63 22.17 -5.16
N THR A 236 11.39 22.44 -4.75
CA THR A 236 11.15 23.08 -3.45
C THR A 236 10.81 22.06 -2.37
N ARG A 237 10.82 22.53 -1.11
CA ARG A 237 10.40 21.76 0.06
C ARG A 237 9.22 22.48 0.71
N LYS A 238 8.16 21.77 0.99
CA LYS A 238 7.01 22.36 1.68
C LYS A 238 6.66 21.65 2.98
N PRO A 239 5.99 22.36 3.92
CA PRO A 239 5.33 21.70 5.05
C PRO A 239 4.35 20.60 4.62
N VAL A 240 4.15 19.64 5.51
CA VAL A 240 3.36 18.45 5.20
C VAL A 240 1.88 18.81 5.07
N THR A 241 1.53 20.05 5.41
CA THR A 241 0.18 20.60 5.23
C THR A 241 -0.10 20.96 3.78
N GLU A 242 0.95 21.00 2.96
CA GLU A 242 0.85 21.43 1.58
C GLU A 242 0.85 20.30 0.55
N ALA A 243 0.40 19.11 0.94
CA ALA A 243 0.49 17.96 0.03
C ALA A 243 -0.31 18.17 -1.27
N GLN A 244 -1.40 18.91 -1.18
CA GLN A 244 -2.23 19.21 -2.36
C GLN A 244 -1.43 19.92 -3.46
N SER A 245 -0.36 20.62 -3.10
CA SER A 245 0.47 21.30 -4.10
C SER A 245 1.88 20.72 -4.23
N CYS A 246 2.18 19.69 -3.44
CA CYS A 246 3.51 19.11 -3.39
C CYS A 246 3.49 17.56 -3.28
N HIS A 247 2.89 16.91 -4.28
CA HIS A 247 2.87 15.45 -4.36
C HIS A 247 3.49 15.00 -5.70
N LEU A 248 3.84 13.72 -5.79
CA LEU A 248 4.45 13.18 -6.99
C LEU A 248 3.39 12.65 -7.94
N ALA A 249 2.24 12.28 -7.39
CA ALA A 249 1.11 11.79 -8.17
C ALA A 249 -0.08 11.52 -7.28
N VAL A 250 -1.22 11.33 -7.91
CA VAL A 250 -2.42 10.83 -7.26
C VAL A 250 -2.49 9.34 -7.63
N ALA A 251 -2.56 8.48 -6.61
CA ALA A 251 -2.67 7.02 -6.79
C ALA A 251 -4.12 6.50 -6.65
N PRO A 252 -4.53 5.50 -7.47
CA PRO A 252 -5.83 4.86 -7.24
C PRO A 252 -5.86 4.05 -5.93
N ASN A 253 -6.99 4.09 -5.23
CA ASN A 253 -7.10 3.41 -3.93
C ASN A 253 -6.79 1.91 -4.04
N HIS A 254 -6.31 1.35 -2.94
CA HIS A 254 -6.20 -0.09 -2.80
C HIS A 254 -7.58 -0.68 -3.00
N ALA A 255 -7.63 -1.86 -3.61
CA ALA A 255 -8.91 -2.48 -3.97
C ALA A 255 -8.82 -4.00 -3.81
N VAL A 256 -9.94 -4.59 -3.42
CA VAL A 256 -10.13 -6.04 -3.39
C VAL A 256 -10.16 -6.58 -4.82
N VAL A 257 -9.35 -7.61 -5.10
CA VAL A 257 -9.45 -8.32 -6.38
C VAL A 257 -9.85 -9.76 -6.17
N SER A 258 -10.39 -10.36 -7.21
CA SER A 258 -10.69 -11.77 -7.24
C SER A 258 -10.66 -12.23 -8.69
N ARG A 259 -10.76 -13.53 -8.89
CA ARG A 259 -11.03 -14.08 -10.21
C ARG A 259 -12.36 -13.58 -10.70
N SER A 260 -12.44 -13.32 -12.00
CA SER A 260 -13.67 -12.81 -12.60
C SER A 260 -14.87 -13.70 -12.28
N ASP A 261 -14.69 -15.01 -12.38
CA ASP A 261 -15.79 -15.96 -12.13
C ASP A 261 -16.27 -16.03 -10.66
N ARG A 262 -15.53 -15.40 -9.75
CA ARG A 262 -15.90 -15.41 -8.33
C ARG A 262 -16.29 -14.01 -7.84
N ALA A 263 -16.19 -13.00 -8.72
CA ALA A 263 -16.32 -11.60 -8.34
C ALA A 263 -17.63 -11.27 -7.64
N ALA A 264 -18.75 -11.76 -8.20
CA ALA A 264 -20.06 -11.40 -7.68
C ALA A 264 -20.30 -12.01 -6.30
N HIS A 265 -19.76 -13.21 -6.10
CA HIS A 265 -19.87 -13.87 -4.81
C HIS A 265 -19.01 -13.21 -3.74
N VAL A 266 -17.77 -12.89 -4.09
CA VAL A 266 -16.88 -12.15 -3.19
C VAL A 266 -17.51 -10.82 -2.77
N GLU A 267 -18.07 -10.10 -3.74
CA GLU A 267 -18.73 -8.81 -3.49
C GLU A 267 -19.85 -8.91 -2.44
N GLN A 268 -20.78 -9.85 -2.63
CA GLN A 268 -21.92 -10.06 -1.73
C GLN A 268 -21.49 -10.33 -0.28
N VAL A 269 -20.57 -11.27 -0.11
CA VAL A 269 -20.03 -11.59 1.20
C VAL A 269 -19.37 -10.39 1.89
N LEU A 270 -18.54 -9.64 1.17
CA LEU A 270 -17.82 -8.51 1.74
C LEU A 270 -18.72 -7.37 2.22
N LEU A 271 -19.72 -7.03 1.40
CA LEU A 271 -20.75 -6.06 1.77
C LEU A 271 -21.42 -6.42 3.10
N HIS A 272 -21.81 -7.69 3.26
CA HIS A 272 -22.36 -8.19 4.53
C HIS A 272 -21.36 -8.22 5.69
N GLN A 273 -20.12 -8.62 5.41
CA GLN A 273 -19.06 -8.60 6.43
C GLN A 273 -18.77 -7.21 7.01
N GLN A 274 -18.85 -6.17 6.18
CA GLN A 274 -18.57 -4.81 6.65
C GLN A 274 -19.71 -4.17 7.43
N ALA A 275 -20.93 -4.59 7.14
CA ALA A 275 -22.11 -4.22 7.93
C ALA A 275 -21.97 -4.73 9.36
N LEU A 276 -21.28 -5.87 9.53
CA LEU A 276 -21.02 -6.46 10.84
C LEU A 276 -19.75 -5.91 11.51
N PHE A 277 -18.63 -5.87 10.77
CA PHE A 277 -17.32 -5.55 11.35
C PHE A 277 -16.67 -4.26 10.85
N GLY A 278 -17.38 -3.53 9.99
CA GLY A 278 -16.89 -2.27 9.47
C GLY A 278 -16.96 -1.15 10.49
N LYS A 279 -16.83 0.08 10.00
CA LYS A 279 -16.67 1.30 10.81
C LYS A 279 -17.77 1.52 11.83
N ASN A 280 -19.04 1.40 11.42
CA ASN A 280 -20.15 1.46 12.37
C ASN A 280 -20.90 0.15 12.45
N GLY A 281 -20.15 -0.95 12.34
CA GLY A 281 -20.72 -2.27 12.25
C GLY A 281 -21.29 -2.75 13.57
N LYS A 282 -22.30 -3.61 13.47
CA LYS A 282 -22.96 -4.25 14.62
C LYS A 282 -21.98 -4.69 15.69
N ASN A 283 -20.89 -5.32 15.26
CA ASN A 283 -19.92 -5.98 16.14
C ASN A 283 -18.60 -5.24 16.32
N CYS A 284 -18.51 -4.03 15.79
CA CYS A 284 -17.32 -3.21 15.96
C CYS A 284 -17.67 -1.89 16.66
N PRO A 285 -16.94 -1.56 17.74
CA PRO A 285 -15.73 -2.20 18.23
C PRO A 285 -15.94 -3.27 19.30
N ASP A 286 -17.18 -3.70 19.50
CA ASP A 286 -17.50 -4.62 20.59
C ASP A 286 -16.77 -5.96 20.50
N LYS A 287 -16.84 -6.62 19.34
CA LYS A 287 -16.18 -7.92 19.17
C LYS A 287 -14.96 -7.91 18.23
N PHE A 288 -15.11 -7.33 17.04
CA PHE A 288 -14.04 -7.31 16.02
C PHE A 288 -14.24 -6.18 15.01
N CYS A 289 -13.15 -5.47 14.71
CA CYS A 289 -13.14 -4.44 13.68
C CYS A 289 -12.20 -4.83 12.54
N LEU A 290 -12.79 -5.00 11.36
CA LEU A 290 -12.08 -5.34 10.13
C LEU A 290 -11.02 -4.31 9.74
N PHE A 291 -11.32 -3.04 9.98
CA PHE A 291 -10.44 -1.96 9.55
C PHE A 291 -9.52 -1.42 10.65
N LYS A 292 -9.35 -2.17 11.74
CA LYS A 292 -8.32 -1.84 12.73
C LYS A 292 -7.27 -2.95 12.84
N SER A 293 -6.06 -2.54 13.20
CA SER A 293 -4.91 -3.42 13.45
C SER A 293 -3.76 -2.62 14.08
N GLU A 294 -4.11 -1.67 14.95
CA GLU A 294 -3.14 -0.82 15.67
C GLU A 294 -2.01 -0.29 14.77
N THR A 295 -2.39 0.54 13.79
CA THR A 295 -1.48 1.28 12.89
C THR A 295 -0.70 0.45 11.85
N LYS A 296 -0.96 -0.85 11.81
CA LYS A 296 -0.15 -1.80 11.04
C LYS A 296 -0.71 -2.10 9.66
N ASN A 297 -1.89 -1.57 9.36
CA ASN A 297 -2.57 -1.73 8.08
C ASN A 297 -2.57 -3.18 7.61
N LEU A 298 -3.07 -4.09 8.46
CA LEU A 298 -3.17 -5.53 8.17
C LEU A 298 -4.49 -5.83 7.45
N LEU A 299 -4.38 -6.47 6.29
CA LEU A 299 -5.48 -6.80 5.34
C LEU A 299 -6.05 -5.60 4.60
N PHE A 300 -6.27 -4.51 5.34
CA PHE A 300 -6.80 -3.28 4.82
C PHE A 300 -6.04 -2.15 5.50
N ASN A 301 -6.04 -0.97 4.89
CA ASN A 301 -5.58 0.23 5.57
C ASN A 301 -6.44 0.57 6.78
N ASP A 302 -5.79 1.00 7.85
CA ASP A 302 -6.49 1.38 9.07
C ASP A 302 -7.35 2.64 8.91
N ASN A 303 -7.06 3.48 7.93
CA ASN A 303 -7.92 4.65 7.71
C ASN A 303 -9.15 4.37 6.82
N THR A 304 -9.37 3.09 6.48
CA THR A 304 -10.49 2.71 5.62
C THR A 304 -11.85 2.96 6.31
N GLU A 305 -12.69 3.78 5.70
CA GLU A 305 -14.04 4.02 6.20
C GLU A 305 -14.98 2.86 5.81
N CYS A 306 -14.90 2.46 4.55
CA CYS A 306 -15.68 1.34 4.02
C CYS A 306 -15.04 0.85 2.73
N LEU A 307 -15.51 -0.30 2.26
CA LEU A 307 -15.27 -0.75 0.92
C LEU A 307 -16.43 -0.29 0.02
N ALA A 308 -16.08 0.37 -1.08
CA ALA A 308 -17.05 1.03 -1.96
C ALA A 308 -17.27 0.24 -3.24
N LYS A 309 -18.51 0.23 -3.72
CA LYS A 309 -18.82 -0.34 -5.04
C LYS A 309 -18.17 0.52 -6.09
N LEU A 310 -17.88 -0.05 -7.25
CA LEU A 310 -17.10 0.65 -8.25
C LEU A 310 -17.92 1.48 -9.23
N GLY A 311 -18.84 0.85 -9.96
CA GLY A 311 -19.69 1.65 -10.87
C GLY A 311 -18.96 1.93 -12.16
N GLY A 312 -19.62 1.59 -13.26
CA GLY A 312 -18.97 1.56 -14.55
C GLY A 312 -18.30 0.22 -14.73
N ARG A 313 -18.56 -0.72 -13.81
CA ARG A 313 -17.95 -2.04 -13.77
C ARG A 313 -16.56 -2.06 -14.43
N PRO A 314 -15.60 -1.32 -13.83
CA PRO A 314 -14.33 -1.10 -14.52
C PRO A 314 -13.51 -2.36 -14.68
N THR A 315 -12.83 -2.46 -15.82
CA THR A 315 -11.72 -3.40 -15.94
C THR A 315 -10.57 -2.87 -15.08
N TYR A 316 -9.53 -3.67 -14.95
CA TYR A 316 -8.38 -3.22 -14.16
C TYR A 316 -7.69 -1.98 -14.79
N GLU A 317 -7.70 -1.87 -16.11
CA GLU A 317 -7.08 -0.72 -16.80
C GLU A 317 -7.88 0.56 -16.59
N GLU A 318 -9.19 0.42 -16.66
CA GLU A 318 -10.10 1.52 -16.36
C GLU A 318 -9.97 1.91 -14.90
N TYR A 319 -9.87 0.91 -14.01
CA TYR A 319 -9.73 1.18 -12.58
C TYR A 319 -8.45 1.97 -12.28
N LEU A 320 -7.33 1.56 -12.88
CA LEU A 320 -6.05 2.19 -12.58
C LEU A 320 -5.89 3.54 -13.29
N GLY A 321 -6.53 3.65 -14.47
CA GLY A 321 -6.49 4.87 -15.27
C GLY A 321 -5.37 4.81 -16.28
N THR A 322 -5.61 5.38 -17.47
CA THR A 322 -4.62 5.32 -18.55
C THR A 322 -3.29 5.99 -18.19
N GLU A 323 -3.36 7.08 -17.42
CA GLU A 323 -2.15 7.73 -16.94
C GLU A 323 -1.23 6.76 -16.16
N TYR A 324 -1.78 6.11 -15.14
CA TYR A 324 -0.99 5.22 -14.29
C TYR A 324 -0.51 3.95 -15.01
N VAL A 325 -1.37 3.35 -15.84
CA VAL A 325 -1.03 2.15 -16.61
C VAL A 325 0.17 2.35 -17.53
N THR A 326 0.22 3.46 -18.24
CA THR A 326 1.37 3.72 -19.14
C THR A 326 2.64 4.04 -18.36
N ALA A 327 2.49 4.70 -17.21
CA ALA A 327 3.61 4.91 -16.29
C ALA A 327 4.24 3.57 -15.92
N ILE A 328 3.44 2.61 -15.48
CA ILE A 328 3.93 1.28 -15.14
C ILE A 328 4.56 0.56 -16.34
N ALA A 329 3.87 0.59 -17.49
CA ALA A 329 4.35 -0.06 -18.72
C ALA A 329 5.76 0.40 -19.09
N ASN A 330 5.97 1.72 -19.09
CA ASN A 330 7.26 2.32 -19.38
C ASN A 330 8.37 1.93 -18.41
N LEU A 331 8.04 1.81 -17.12
CA LEU A 331 9.01 1.41 -16.09
C LEU A 331 9.37 -0.06 -16.20
N LYS A 332 8.39 -0.90 -16.56
CA LYS A 332 8.59 -2.36 -16.66
C LYS A 332 9.51 -2.73 -17.83
N LYS A 333 9.67 -1.80 -18.78
CA LYS A 333 10.63 -1.96 -19.89
C LYS A 333 12.07 -2.08 -19.42
N CYS A 334 12.38 -1.55 -18.24
CA CYS A 334 13.73 -1.61 -17.68
C CYS A 334 14.13 -2.96 -17.12
N SER A 335 13.20 -3.66 -16.46
CA SER A 335 13.54 -4.91 -15.79
C SER A 335 12.91 -6.13 -16.46
N LEU A 340 5.44 -7.33 -21.74
CA LEU A 340 4.70 -6.11 -22.07
C LEU A 340 3.21 -6.37 -22.27
N GLU A 341 2.88 -7.61 -22.67
CA GLU A 341 1.49 -8.04 -22.90
C GLU A 341 1.31 -9.53 -22.58
N ALA A 342 1.26 -9.88 -21.28
CA ALA A 342 1.14 -11.29 -20.87
C ALA A 342 0.49 -11.54 -19.49
N CYS A 343 1.35 -11.76 -18.50
CA CYS A 343 1.06 -12.19 -17.12
C CYS A 343 2.36 -12.83 -16.63
N ALA A 344 2.91 -12.28 -15.54
CA ALA A 344 4.21 -12.71 -15.01
C ALA A 344 4.26 -14.16 -14.50
N PHE A 345 3.13 -14.87 -14.60
CA PHE A 345 3.04 -16.23 -14.08
C PHE A 345 2.57 -17.24 -15.13
C1 NAG B . 7.97 8.34 -18.35
C2 NAG B . 6.61 8.74 -17.74
C3 NAG B . 5.45 8.26 -18.62
C4 NAG B . 5.66 8.64 -20.09
C5 NAG B . 7.05 8.20 -20.56
C6 NAG B . 7.39 8.58 -22.00
C7 NAG B . 6.10 8.90 -15.34
C8 NAG B . 6.05 8.17 -14.03
N2 NAG B . 6.52 8.18 -16.40
O3 NAG B . 4.24 8.81 -18.15
O4 NAG B . 4.66 8.01 -20.87
O5 NAG B . 8.04 8.74 -19.70
O6 NAG B . 7.32 9.99 -22.18
O7 NAG B . 5.78 10.08 -15.40
C1 NAG B . 3.86 8.95 -21.64
C2 NAG B . 3.35 8.22 -22.88
C3 NAG B . 2.32 9.03 -23.65
C4 NAG B . 1.23 9.55 -22.73
C5 NAG B . 1.87 10.32 -21.56
C6 NAG B . 0.84 10.81 -20.54
C7 NAG B . 4.69 6.57 -24.06
C8 NAG B . 6.09 6.25 -24.52
N2 NAG B . 4.44 7.84 -23.75
O3 NAG B . 1.74 8.21 -24.65
O4 NAG B . 0.30 10.33 -23.48
O5 NAG B . 2.80 9.50 -20.87
O6 NAG B . 0.25 9.72 -19.86
O7 NAG B . 3.84 5.69 -24.00
C1 MAN B . -1.03 9.75 -23.40
C2 MAN B . -1.42 9.00 -24.67
C3 MAN B . -1.93 9.94 -25.77
C4 MAN B . -2.93 10.96 -25.23
C5 MAN B . -2.37 11.64 -23.98
C6 MAN B . -3.33 12.67 -23.38
O2 MAN B . -2.40 8.03 -24.38
O3 MAN B . -2.52 9.18 -26.80
O4 MAN B . -3.21 11.92 -26.22
O5 MAN B . -2.03 10.68 -23.01
O6 MAN B . -4.63 12.12 -23.25
C1 BMA B . -4.59 11.81 -26.63
C2 BMA B . -4.71 12.28 -28.09
C3 BMA B . -6.10 11.99 -28.68
C4 BMA B . -6.58 10.57 -28.33
C5 BMA B . -6.44 10.32 -26.82
C6 BMA B . -6.89 8.91 -26.44
O2 BMA B . -3.71 11.66 -28.86
O3 BMA B . -6.09 12.15 -30.07
O4 BMA B . -7.93 10.43 -28.73
O5 BMA B . -5.09 10.50 -26.44
O6 BMA B . -8.30 8.88 -26.30
C1 BMA B . -5.58 13.17 -23.56
C2 BMA B . -6.96 12.74 -23.10
C3 BMA B . -7.99 13.85 -23.36
C4 BMA B . -7.50 15.22 -22.90
C5 BMA B . -6.07 15.47 -23.40
C6 BMA B . -5.50 16.81 -22.89
O2 BMA B . -6.92 12.47 -21.71
O3 BMA B . -9.20 13.53 -22.70
O4 BMA B . -8.38 16.23 -23.36
O5 BMA B . -5.21 14.42 -23.00
O6 BMA B . -5.19 16.72 -21.53
C1 NAG C . -22.94 -16.26 7.43
C2 NAG C . -23.40 -15.13 8.35
C3 NAG C . -24.93 -15.07 8.55
C4 NAG C . -25.80 -15.48 7.34
C5 NAG C . -25.08 -16.39 6.33
C6 NAG C . -25.67 -16.20 4.94
C7 NAG C . -21.81 -14.33 10.07
C8 NAG C . -21.60 -14.28 11.56
N2 NAG C . -22.75 -15.19 9.65
O3 NAG C . -25.31 -13.77 8.95
O4 NAG C . -26.96 -16.14 7.84
O5 NAG C . -23.69 -16.16 6.23
O6 NAG C . -25.49 -14.87 4.50
O7 NAG C . -21.14 -13.62 9.33
C1 NAG C . -28.25 -15.55 7.51
C2 NAG C . -28.56 -14.22 8.23
C3 NAG C . -29.92 -13.62 7.84
C4 NAG C . -30.40 -13.94 6.42
C5 NAG C . -29.92 -15.30 5.91
C6 NAG C . -30.25 -15.51 4.43
C7 NAG C . -28.51 -13.47 10.59
C8 NAG C . -29.03 -13.81 11.96
N2 NAG C . -28.53 -14.45 9.68
O3 NAG C . -29.83 -12.21 7.98
O4 NAG C . -31.82 -13.92 6.42
O5 NAG C . -28.53 -15.41 6.12
O6 NAG C . -29.42 -14.72 3.61
O7 NAG C . -28.09 -12.32 10.37
C1 NAG D . -3.39 14.06 4.15
C2 NAG D . -4.68 14.79 3.72
C3 NAG D . -5.45 15.31 4.94
C4 NAG D . -5.69 14.23 5.99
C5 NAG D . -4.41 13.41 6.28
C6 NAG D . -4.72 12.12 7.04
C7 NAG D . -4.79 15.97 1.58
C8 NAG D . -4.36 17.16 0.79
N2 NAG D . -4.39 15.90 2.84
O3 NAG D . -6.69 15.82 4.48
O4 NAG D . -6.20 14.85 7.17
O5 NAG D . -3.73 13.04 5.07
O6 NAG D . -5.48 11.22 6.25
O7 NAG D . -5.49 15.10 1.05
C1 NAG D . -7.51 14.31 7.48
C2 NAG D . -7.74 14.25 9.00
C3 NAG D . -9.17 13.80 9.33
C4 NAG D . -10.19 14.66 8.57
C5 NAG D . -9.89 14.56 7.07
C6 NAG D . -10.87 15.36 6.23
C7 NAG D . -5.92 13.74 10.58
C8 NAG D . -5.28 12.65 11.39
N2 NAG D . -6.79 13.36 9.63
O3 NAG D . -9.41 13.88 10.71
O4 NAG D . -11.53 14.28 8.89
O5 NAG D . -8.56 15.02 6.82
O6 NAG D . -10.54 15.20 4.86
O7 NAG D . -5.63 14.91 10.81
C1 BMA D . -12.17 15.28 9.73
C2 BMA D . -13.71 15.22 9.60
C3 BMA D . -14.51 14.96 10.90
C4 BMA D . -13.81 15.38 12.20
C5 BMA D . -12.48 16.06 11.94
C6 BMA D . -11.68 16.34 13.22
O2 BMA D . -14.08 14.28 8.61
O3 BMA D . -14.84 13.58 10.99
O4 BMA D . -14.67 16.17 13.00
O5 BMA D . -11.73 15.22 11.08
O6 BMA D . -11.22 15.14 13.81
C1 BMA D . -15.30 17.26 12.29
C2 BMA D . -14.30 18.32 11.89
C3 BMA D . -15.05 19.57 11.39
C4 BMA D . -16.18 19.24 10.40
C5 BMA D . -16.94 17.94 10.72
C6 BMA D . -17.77 17.46 9.53
O2 BMA D . -13.43 17.83 10.87
O3 BMA D . -14.12 20.46 10.78
O4 BMA D . -17.11 20.34 10.42
O5 BMA D . -16.06 16.89 11.13
O6 BMA D . -16.98 17.42 8.34
C1 BMA D . -17.33 20.83 9.08
C2 BMA D . -16.20 21.78 8.64
C3 BMA D . -16.40 22.25 7.18
C4 BMA D . -17.70 21.75 6.54
C5 BMA D . -18.11 20.31 6.90
C6 BMA D . -17.79 19.36 5.75
O2 BMA D . -14.95 21.12 8.77
O3 BMA D . -15.32 21.86 6.38
O4 BMA D . -18.75 22.65 6.83
O5 BMA D . -17.50 19.83 8.10
O6 BMA D . -18.08 18.02 6.14
C1 BMA D . -18.26 24.00 6.81
C2 BMA D . -19.27 24.91 6.09
C3 BMA D . -18.83 26.37 6.12
C4 BMA D . -18.37 26.80 7.52
C5 BMA D . -17.38 25.79 8.09
C6 BMA D . -16.94 26.17 9.51
O2 BMA D . -20.54 24.78 6.68
O3 BMA D . -19.88 27.21 5.69
O4 BMA D . -17.78 28.09 7.44
O5 BMA D . -17.97 24.50 8.11
O6 BMA D . -15.96 27.18 9.43
FE FE E . -0.48 2.03 -2.11
C CO3 F . 1.99 2.00 -2.02
O1 CO3 F . 1.31 1.09 -1.38
O2 CO3 F . 1.32 2.84 -2.70
O3 CO3 F . 3.28 2.08 -1.96
ZN ZN G . -15.71 0.07 -18.89
ZN ZN H . -1.45 16.54 -8.86
S SO4 I . 12.95 24.06 5.06
O1 SO4 I . 11.79 23.43 4.43
O2 SO4 I . 13.80 24.63 4.03
O3 SO4 I . 12.48 25.11 5.97
O4 SO4 I . 13.71 23.08 5.84
S SO4 J . -22.80 -19.69 -3.56
O1 SO4 J . -23.38 -19.88 -4.88
O2 SO4 J . -21.36 -19.46 -3.69
O3 SO4 J . -23.45 -18.55 -2.91
O4 SO4 J . -23.02 -20.90 -2.77
C1 INS K . -13.96 5.42 -15.79
C2 INS K . -13.24 5.60 -14.45
C3 INS K . -14.03 4.99 -13.28
C4 INS K . -14.45 3.55 -13.56
C5 INS K . -15.24 3.45 -14.86
C6 INS K . -14.42 3.98 -16.03
O1 INS K . -13.08 5.81 -16.86
O2 INS K . -11.94 5.01 -14.51
O3 INS K . -13.24 5.04 -12.08
O4 INS K . -15.24 3.08 -12.46
O5 INS K . -15.60 2.08 -15.09
O6 INS K . -15.20 3.91 -17.23
C1 INS L . 5.68 -8.28 -11.32
C2 INS L . 6.99 -7.64 -11.79
C3 INS L . 8.18 -8.01 -10.90
C4 INS L . 8.27 -9.50 -10.56
C5 INS L . 6.94 -10.01 -10.00
C6 INS L . 5.82 -9.76 -11.01
O1 INS L . 4.67 -8.10 -12.32
O2 INS L . 7.26 -8.00 -13.16
O3 INS L . 9.41 -7.58 -11.51
O4 INS L . 9.30 -9.71 -9.59
O5 INS L . 7.02 -11.40 -9.70
O6 INS L . 4.61 -10.30 -10.47
#